data_4MNM
#
_entry.id   4MNM
#
_cell.length_a   58.540
_cell.length_b   64.500
_cell.length_c   86.024
_cell.angle_alpha   90.00
_cell.angle_beta   90.00
_cell.angle_gamma   90.00
#
_symmetry.space_group_name_H-M   'P 21 21 21'
#
loop_
_entity.id
_entity.type
_entity.pdbx_description
1 polymer 'Chitinase A'
2 non-polymer 1,2-ETHANEDIOL
3 non-polymer 2-acetamido-2-deoxy-beta-D-glucopyranose
4 non-polymer 'SULFATE ION'
5 water water
#
_entity_poly.entity_id   1
_entity_poly.type   'polypeptide(L)'
_entity_poly.pdbx_seq_one_letter_code
;MQNALKVGFWPAYSVSEFPPSKINSRLFTHLYYAFAELNAPTFEVRVPPGSEKTAEDFTPTVRRLNPSVKTLISIGGWGS
EVRDNFAKLNSDASARQRFVKSSIALARRYGFHGLDLDYQYPEPQLEMENFVKLVSELTAAIREEARTSGKPRLLLTEAV
YFHQKLFPWEVVTEYPVQFIAAGLDWVNVMAYDFHGSWENFTGAPAALRDPNSKFTASVGIESFLAAGMPPEKLVLGIPL
FGRSWLLKNNNEVGIGAPAVGAGPVDGALSFSEIQNFIRGGAREVFDTTTVSAYAYKDNVWVGYDNQQSVALKVQYAKEK
RLGGYFFWSVNQDIDAILPKIASDTWGG
;
_entity_poly.pdbx_strand_id   A
#
# COMPACT_ATOMS: atom_id res chain seq x y z
N ALA A 4 -17.14 -5.58 -0.91
CA ALA A 4 -15.88 -6.10 -1.49
C ALA A 4 -15.01 -4.96 -2.04
N LEU A 5 -13.91 -4.67 -1.36
CA LEU A 5 -13.03 -3.54 -1.71
C LEU A 5 -11.91 -3.98 -2.65
N LYS A 6 -11.84 -3.34 -3.81
CA LYS A 6 -10.81 -3.62 -4.80
C LYS A 6 -10.06 -2.32 -5.01
N VAL A 7 -8.88 -2.23 -4.39
CA VAL A 7 -8.21 -0.95 -4.19
C VAL A 7 -6.92 -0.88 -5.00
N GLY A 8 -6.67 0.28 -5.63
CA GLY A 8 -5.44 0.49 -6.39
C GLY A 8 -4.77 1.79 -5.99
N PHE A 9 -3.45 1.77 -5.87
CA PHE A 9 -2.69 2.99 -5.59
C PHE A 9 -2.02 3.49 -6.87
N TRP A 10 -2.24 4.77 -7.20
CA TRP A 10 -1.56 5.42 -8.32
C TRP A 10 -0.58 6.48 -7.82
N PRO A 11 0.73 6.32 -8.09
CA PRO A 11 1.70 7.30 -7.63
C PRO A 11 1.87 8.44 -8.63
N ALA A 12 1.72 9.67 -8.17
CA ALA A 12 1.77 10.83 -9.06
C ALA A 12 3.11 11.00 -9.76
N TYR A 13 4.18 10.45 -9.18
CA TYR A 13 5.49 10.52 -9.82
C TYR A 13 5.60 9.69 -11.10
N SER A 14 4.62 8.81 -11.34
CA SER A 14 4.61 7.98 -12.54
C SER A 14 3.84 8.62 -13.70
N VAL A 15 3.37 9.85 -13.50
CA VAL A 15 2.46 10.54 -14.44
C VAL A 15 2.93 10.57 -15.91
N SER A 16 4.24 10.72 -16.14
CA SER A 16 4.77 10.78 -17.51
C SER A 16 4.57 9.47 -18.28
N GLU A 17 4.89 8.34 -17.63
CA GLU A 17 4.81 7.04 -18.29
C GLU A 17 3.44 6.39 -18.11
N PHE A 18 2.70 6.78 -17.08
CA PHE A 18 1.41 6.16 -16.78
C PHE A 18 0.42 7.18 -16.20
N PRO A 19 -0.19 8.01 -17.08
CA PRO A 19 -1.16 8.99 -16.58
C PRO A 19 -2.45 8.30 -16.11
N PRO A 20 -3.27 9.00 -15.29
CA PRO A 20 -4.47 8.34 -14.73
C PRO A 20 -5.41 7.74 -15.77
N SER A 21 -5.44 8.30 -16.97
CA SER A 21 -6.26 7.75 -18.06
C SER A 21 -5.90 6.30 -18.43
N LYS A 22 -4.68 5.88 -18.11
CA LYS A 22 -4.26 4.51 -18.44
C LYS A 22 -4.74 3.46 -17.42
N ILE A 23 -5.26 3.91 -16.27
CA ILE A 23 -5.75 2.99 -15.23
C ILE A 23 -7.04 2.32 -15.70
N ASN A 24 -7.11 1.00 -15.62
CA ASN A 24 -8.38 0.33 -15.91
C ASN A 24 -9.24 0.36 -14.66
N SER A 25 -9.98 1.44 -14.50
CA SER A 25 -10.74 1.66 -13.27
C SER A 25 -11.99 0.79 -13.12
N ARG A 26 -12.35 0.07 -14.20
CA ARG A 26 -13.42 -0.92 -14.13
C ARG A 26 -13.06 -2.09 -13.20
N LEU A 27 -11.76 -2.22 -12.93
CA LEU A 27 -11.26 -3.31 -12.08
C LEU A 27 -11.10 -2.92 -10.61
N PHE A 28 -11.53 -1.71 -10.27
CA PHE A 28 -11.36 -1.19 -8.91
C PHE A 28 -12.64 -0.57 -8.36
N THR A 29 -12.78 -0.60 -7.04
CA THR A 29 -13.85 0.16 -6.37
C THR A 29 -13.30 1.48 -5.83
N HIS A 30 -12.01 1.49 -5.48
CA HIS A 30 -11.36 2.68 -4.93
C HIS A 30 -9.97 2.87 -5.48
N LEU A 31 -9.65 4.12 -5.85
CA LEU A 31 -8.32 4.44 -6.36
C LEU A 31 -7.72 5.57 -5.54
N TYR A 32 -6.47 5.38 -5.13
CA TYR A 32 -5.74 6.32 -4.30
C TYR A 32 -4.75 7.13 -5.11
N TYR A 33 -4.64 8.41 -4.80
CA TYR A 33 -3.64 9.31 -5.35
C TYR A 33 -2.53 9.41 -4.31
N ALA A 34 -1.31 9.01 -4.69
CA ALA A 34 -0.16 8.99 -3.77
C ALA A 34 0.98 9.88 -4.30
N PHE A 35 1.49 10.85 -3.52
CA PHE A 35 1.03 11.21 -2.18
C PHE A 35 0.99 12.74 -2.07
N ALA A 36 0.11 13.25 -1.22
CA ALA A 36 0.15 14.64 -0.81
C ALA A 36 1.27 14.78 0.21
N GLU A 37 1.85 15.98 0.28
CA GLU A 37 2.97 16.29 1.17
C GLU A 37 2.47 16.77 2.52
N LEU A 38 3.17 16.39 3.58
CA LEU A 38 2.88 16.90 4.93
C LEU A 38 3.21 18.38 5.03
N ASN A 39 4.25 18.82 4.31
CA ASN A 39 4.60 20.25 4.21
C ASN A 39 4.93 20.89 5.56
N ALA A 40 5.90 20.30 6.27
CA ALA A 40 6.48 20.92 7.46
C ALA A 40 7.15 22.24 7.07
N PRO A 41 7.20 23.22 7.99
CA PRO A 41 6.70 23.23 9.37
C PRO A 41 5.25 23.67 9.57
N THR A 42 4.61 24.20 8.52
CA THR A 42 3.23 24.68 8.65
C THR A 42 2.22 23.53 8.71
N PHE A 43 2.57 22.42 8.07
CA PHE A 43 1.68 21.26 7.95
C PHE A 43 0.34 21.61 7.29
N GLU A 44 0.39 22.60 6.40
CA GLU A 44 -0.67 22.88 5.45
C GLU A 44 -0.49 21.90 4.30
N VAL A 45 -1.15 20.76 4.43
CA VAL A 45 -1.01 19.66 3.47
C VAL A 45 -1.34 20.11 2.04
N ARG A 46 -0.57 19.62 1.08
CA ARG A 46 -0.72 20.02 -0.31
C ARG A 46 -0.18 18.92 -1.23
N VAL A 47 -0.64 18.89 -2.47
CA VAL A 47 0.05 18.08 -3.48
C VAL A 47 1.34 18.82 -3.84
N PRO A 48 2.36 18.08 -4.34
CA PRO A 48 3.60 18.75 -4.77
C PRO A 48 3.31 19.98 -5.64
N PRO A 49 3.92 21.14 -5.30
CA PRO A 49 3.66 22.35 -6.07
C PRO A 49 3.89 22.12 -7.57
N GLY A 50 2.93 22.53 -8.38
CA GLY A 50 3.00 22.35 -9.84
C GLY A 50 2.22 21.14 -10.33
N SER A 51 1.71 20.34 -9.41
CA SER A 51 0.93 19.15 -9.77
C SER A 51 -0.57 19.30 -9.53
N GLU A 52 -1.01 20.54 -9.26
CA GLU A 52 -2.41 20.83 -8.95
C GLU A 52 -3.38 20.33 -10.04
N LYS A 53 -3.01 20.51 -11.31
CA LYS A 53 -3.87 20.07 -12.41
C LYS A 53 -4.04 18.56 -12.43
N THR A 54 -2.94 17.84 -12.19
CA THR A 54 -2.94 16.39 -12.11
C THR A 54 -3.86 15.90 -10.99
N ALA A 55 -3.75 16.54 -9.83
CA ALA A 55 -4.57 16.20 -8.67
C ALA A 55 -6.04 16.43 -8.96
N GLU A 56 -6.36 17.58 -9.57
CA GLU A 56 -7.74 17.90 -9.93
C GLU A 56 -8.34 16.92 -10.95
N ASP A 57 -7.55 16.57 -11.96
CA ASP A 57 -8.06 15.76 -13.07
C ASP A 57 -8.14 14.28 -12.72
N PHE A 58 -7.42 13.87 -11.68
CA PHE A 58 -7.36 12.45 -11.31
C PHE A 58 -8.75 11.80 -11.21
N THR A 59 -9.62 12.36 -10.38
CA THR A 59 -10.92 11.73 -10.11
C THR A 59 -11.88 11.70 -11.32
N PRO A 60 -12.12 12.86 -11.98
CA PRO A 60 -12.97 12.81 -13.18
C PRO A 60 -12.40 11.89 -14.26
N THR A 61 -11.08 11.85 -14.38
CA THR A 61 -10.43 10.97 -15.37
C THR A 61 -10.72 9.50 -15.10
N VAL A 62 -10.46 9.03 -13.87
CA VAL A 62 -10.67 7.61 -13.59
C VAL A 62 -12.15 7.22 -13.61
N ARG A 63 -13.02 8.16 -13.27
CA ARG A 63 -14.46 7.91 -13.32
C ARG A 63 -15.02 7.79 -14.74
N ARG A 64 -14.28 8.26 -15.74
CA ARG A 64 -14.76 8.18 -17.13
C ARG A 64 -14.94 6.72 -17.56
N LEU A 65 -14.03 5.84 -17.14
CA LEU A 65 -14.10 4.41 -17.46
C LEU A 65 -14.97 3.64 -16.46
N ASN A 66 -15.04 4.15 -15.24
CA ASN A 66 -15.88 3.56 -14.20
C ASN A 66 -16.48 4.66 -13.33
N PRO A 67 -17.69 5.13 -13.71
CA PRO A 67 -18.28 6.27 -12.98
C PRO A 67 -18.54 6.03 -11.48
N SER A 68 -18.67 4.77 -11.06
N SER A 68 -18.67 4.77 -11.07
CA SER A 68 -18.95 4.43 -9.66
CA SER A 68 -18.95 4.40 -9.68
C SER A 68 -17.70 4.22 -8.81
C SER A 68 -17.70 4.41 -8.79
N VAL A 69 -16.53 4.37 -9.41
CA VAL A 69 -15.25 4.29 -8.67
C VAL A 69 -15.11 5.51 -7.74
N LYS A 70 -14.62 5.25 -6.54
CA LYS A 70 -14.33 6.33 -5.59
C LYS A 70 -12.82 6.52 -5.46
N THR A 71 -12.44 7.70 -5.01
CA THR A 71 -11.02 8.01 -4.89
C THR A 71 -10.67 8.52 -3.49
N LEU A 72 -9.42 8.31 -3.10
CA LEU A 72 -8.90 8.85 -1.86
C LEU A 72 -7.54 9.45 -2.15
N ILE A 73 -7.17 10.44 -1.36
CA ILE A 73 -5.83 11.01 -1.48
C ILE A 73 -5.03 10.63 -0.24
N SER A 74 -3.87 10.04 -0.46
CA SER A 74 -3.00 9.56 0.61
C SER A 74 -1.93 10.61 0.95
N ILE A 75 -1.78 10.87 2.25
CA ILE A 75 -0.81 11.83 2.77
C ILE A 75 0.34 11.06 3.43
N GLY A 76 1.57 11.37 3.01
CA GLY A 76 2.74 10.74 3.59
C GLY A 76 3.54 9.96 2.57
N GLY A 77 3.69 8.66 2.83
CA GLY A 77 4.53 7.80 1.99
C GLY A 77 5.61 7.14 2.85
N TRP A 78 6.62 6.56 2.21
CA TRP A 78 7.72 5.94 2.97
C TRP A 78 8.93 6.87 3.03
N GLY A 79 9.93 6.47 3.81
CA GLY A 79 11.17 7.22 3.93
C GLY A 79 11.26 7.98 5.23
N SER A 80 12.49 8.31 5.61
CA SER A 80 12.78 8.99 6.87
C SER A 80 12.15 10.39 6.97
N GLU A 81 12.17 11.14 5.87
CA GLU A 81 11.64 12.52 5.86
C GLU A 81 10.15 12.57 6.26
N VAL A 82 9.35 11.71 5.62
CA VAL A 82 7.93 11.61 5.96
C VAL A 82 7.73 11.13 7.40
N ARG A 83 8.47 10.09 7.78
CA ARG A 83 8.39 9.57 9.15
C ARG A 83 8.73 10.66 10.17
N ASP A 84 9.82 11.38 9.93
CA ASP A 84 10.27 12.43 10.85
C ASP A 84 9.24 13.55 10.92
N ASN A 85 8.65 13.90 9.77
CA ASN A 85 7.62 14.94 9.72
C ASN A 85 6.33 14.55 10.46
N PHE A 86 5.90 13.28 10.33
CA PHE A 86 4.78 12.82 11.16
C PHE A 86 5.10 12.96 12.65
N ALA A 87 6.32 12.59 13.02
CA ALA A 87 6.73 12.66 14.43
C ALA A 87 6.73 14.09 14.95
N LYS A 88 7.23 15.04 14.16
CA LYS A 88 7.21 16.46 14.52
C LYS A 88 5.78 16.96 14.64
N LEU A 89 4.97 16.61 13.65
CA LEU A 89 3.56 17.02 13.59
C LEU A 89 2.75 16.56 14.80
N ASN A 90 2.85 15.26 15.09
CA ASN A 90 1.96 14.64 16.06
C ASN A 90 2.21 15.08 17.50
N SER A 91 3.40 15.61 17.76
CA SER A 91 3.77 16.12 19.07
C SER A 91 3.37 17.59 19.30
N ASP A 92 2.74 18.21 18.31
CA ASP A 92 2.48 19.65 18.32
C ASP A 92 0.99 19.86 18.07
N ALA A 93 0.27 20.23 19.12
CA ALA A 93 -1.20 20.42 19.05
C ALA A 93 -1.64 21.40 17.97
N SER A 94 -0.94 22.53 17.87
CA SER A 94 -1.20 23.58 16.86
C SER A 94 -1.01 23.04 15.44
N ALA A 95 0.11 22.35 15.23
CA ALA A 95 0.40 21.70 13.97
C ALA A 95 -0.66 20.65 13.59
N ARG A 96 -1.10 19.85 14.57
CA ARG A 96 -2.15 18.86 14.32
C ARG A 96 -3.45 19.53 13.83
N GLN A 97 -3.82 20.64 14.46
CA GLN A 97 -4.98 21.41 14.04
C GLN A 97 -4.85 21.91 12.59
N ARG A 98 -3.68 22.42 12.24
CA ARG A 98 -3.43 22.91 10.88
C ARG A 98 -3.51 21.76 9.86
N PHE A 99 -2.93 20.62 10.24
CA PHE A 99 -2.98 19.40 9.41
C PHE A 99 -4.42 18.92 9.19
N VAL A 100 -5.20 18.83 10.27
CA VAL A 100 -6.57 18.32 10.16
C VAL A 100 -7.40 19.21 9.23
N LYS A 101 -7.31 20.51 9.43
CA LYS A 101 -8.04 21.49 8.64
C LYS A 101 -7.62 21.42 7.17
N SER A 102 -6.32 21.41 6.90
CA SER A 102 -5.82 21.45 5.52
C SER A 102 -6.07 20.13 4.77
N SER A 103 -6.00 19.00 5.48
N SER A 103 -6.00 19.01 5.48
CA SER A 103 -6.21 17.69 4.87
CA SER A 103 -6.21 17.69 4.88
C SER A 103 -7.64 17.53 4.38
C SER A 103 -7.64 17.52 4.38
N ILE A 104 -8.60 17.95 5.18
CA ILE A 104 -10.01 17.89 4.81
C ILE A 104 -10.28 18.81 3.60
N ALA A 105 -9.72 20.02 3.66
CA ALA A 105 -9.83 20.99 2.58
C ALA A 105 -9.24 20.47 1.28
N LEU A 106 -8.08 19.82 1.40
CA LEU A 106 -7.38 19.21 0.27
C LEU A 106 -8.26 18.18 -0.46
N ALA A 107 -8.84 17.24 0.29
CA ALA A 107 -9.72 16.22 -0.29
C ALA A 107 -10.91 16.87 -1.00
N ARG A 108 -11.54 17.83 -0.32
CA ARG A 108 -12.69 18.53 -0.89
C ARG A 108 -12.34 19.37 -2.13
N ARG A 109 -11.18 20.03 -2.09
N ARG A 109 -11.18 20.02 -2.09
CA ARG A 109 -10.72 20.87 -3.20
CA ARG A 109 -10.72 20.87 -3.19
C ARG A 109 -10.69 20.09 -4.52
C ARG A 109 -10.61 20.12 -4.52
N TYR A 110 -10.14 18.88 -4.47
CA TYR A 110 -9.91 18.09 -5.68
C TYR A 110 -10.96 17.02 -5.97
N GLY A 111 -11.99 16.95 -5.13
CA GLY A 111 -13.09 16.01 -5.32
C GLY A 111 -12.83 14.57 -4.91
N PHE A 112 -11.91 14.37 -3.97
CA PHE A 112 -11.65 13.03 -3.43
C PHE A 112 -12.72 12.65 -2.43
N HIS A 113 -13.06 11.36 -2.38
CA HIS A 113 -14.08 10.86 -1.44
C HIS A 113 -13.53 10.55 -0.05
N GLY A 114 -12.21 10.59 0.08
CA GLY A 114 -11.57 10.26 1.34
C GLY A 114 -10.11 10.63 1.44
N LEU A 115 -9.59 10.40 2.65
CA LEU A 115 -8.22 10.68 3.01
C LEU A 115 -7.57 9.39 3.51
N ASP A 116 -6.28 9.25 3.24
CA ASP A 116 -5.52 8.14 3.76
C ASP A 116 -4.27 8.69 4.43
N LEU A 117 -3.86 8.09 5.54
CA LEU A 117 -2.60 8.45 6.18
C LEU A 117 -1.59 7.33 5.99
N ASP A 118 -0.45 7.65 5.38
CA ASP A 118 0.58 6.66 5.14
C ASP A 118 1.82 7.03 5.95
N TYR A 119 1.94 6.41 7.12
CA TYR A 119 2.95 6.71 8.10
C TYR A 119 3.69 5.44 8.44
N GLN A 120 4.95 5.37 7.99
CA GLN A 120 5.77 4.17 8.19
C GLN A 120 7.02 4.47 9.04
N TYR A 121 6.96 4.29 10.37
CA TYR A 121 5.83 3.74 11.13
C TYR A 121 5.63 4.52 12.44
N PRO A 122 4.40 4.48 13.00
CA PRO A 122 4.11 5.12 14.29
C PRO A 122 4.67 4.31 15.47
N GLU A 123 6.00 4.25 15.52
CA GLU A 123 6.71 3.61 16.61
C GLU A 123 7.87 4.51 17.00
N PRO A 124 8.31 4.45 18.28
CA PRO A 124 7.79 3.59 19.35
C PRO A 124 6.51 4.09 20.02
N GLN A 125 6.29 3.68 21.28
CA GLN A 125 5.03 3.95 21.98
C GLN A 125 4.62 5.41 21.95
N LEU A 126 5.55 6.33 22.23
CA LEU A 126 5.23 7.76 22.17
C LEU A 126 4.64 8.14 20.81
N GLU A 127 5.25 7.65 19.75
CA GLU A 127 4.81 7.99 18.40
C GLU A 127 3.43 7.40 18.07
N MET A 128 3.15 6.21 18.58
CA MET A 128 1.80 5.63 18.40
C MET A 128 0.76 6.47 19.14
N GLU A 129 1.07 6.84 20.38
CA GLU A 129 0.17 7.66 21.20
C GLU A 129 -0.13 9.01 20.56
N ASN A 130 0.88 9.66 20.01
CA ASN A 130 0.69 10.95 19.33
C ASN A 130 -0.04 10.84 17.99
N PHE A 131 0.16 9.71 17.29
CA PHE A 131 -0.58 9.42 16.06
C PHE A 131 -2.07 9.22 16.37
N VAL A 132 -2.36 8.57 17.51
CA VAL A 132 -3.73 8.40 17.99
C VAL A 132 -4.38 9.77 18.21
N LYS A 133 -3.63 10.71 18.80
CA LYS A 133 -4.12 12.08 18.96
C LYS A 133 -4.49 12.70 17.61
N LEU A 134 -3.62 12.55 16.63
CA LEU A 134 -3.89 13.10 15.30
C LEU A 134 -5.18 12.53 14.69
N VAL A 135 -5.32 11.21 14.75
CA VAL A 135 -6.44 10.52 14.12
C VAL A 135 -7.74 10.83 14.86
N SER A 136 -7.64 10.92 16.18
CA SER A 136 -8.75 11.32 17.05
C SER A 136 -9.30 12.68 16.62
N GLU A 137 -8.41 13.63 16.40
CA GLU A 137 -8.79 14.99 16.00
C GLU A 137 -9.28 15.02 14.55
N LEU A 138 -8.63 14.23 13.70
CA LEU A 138 -9.03 14.15 12.28
C LEU A 138 -10.43 13.55 12.11
N THR A 139 -10.74 12.48 12.84
CA THR A 139 -12.06 11.85 12.76
C THR A 139 -13.17 12.79 13.24
N ALA A 140 -12.90 13.51 14.32
CA ALA A 140 -13.83 14.50 14.87
C ALA A 140 -14.16 15.57 13.83
N ALA A 141 -13.12 16.07 13.18
CA ALA A 141 -13.26 17.08 12.15
C ALA A 141 -13.96 16.54 10.89
N ILE A 142 -13.69 15.29 10.52
CA ILE A 142 -14.37 14.67 9.37
C ILE A 142 -15.89 14.62 9.59
N ARG A 143 -16.30 14.22 10.79
CA ARG A 143 -17.71 14.16 11.13
C ARG A 143 -18.37 15.54 11.21
N GLU A 144 -17.66 16.51 11.77
CA GLU A 144 -18.13 17.91 11.83
C GLU A 144 -18.28 18.52 10.43
N GLU A 145 -17.32 18.23 9.54
CA GLU A 145 -17.38 18.73 8.17
C GLU A 145 -18.57 18.16 7.38
N ALA A 146 -18.93 16.91 7.63
CA ALA A 146 -20.10 16.29 7.00
C ALA A 146 -21.41 16.96 7.45
N ARG A 147 -21.49 17.27 8.75
CA ARG A 147 -22.67 17.92 9.32
C ARG A 147 -22.85 19.36 8.82
N THR A 148 -21.74 20.10 8.75
CA THR A 148 -21.76 21.48 8.26
C THR A 148 -21.98 21.59 6.75
N SER A 149 -21.45 20.63 5.99
CA SER A 149 -21.53 20.68 4.52
C SER A 149 -22.79 20.01 3.96
N GLY A 150 -23.35 19.06 4.72
CA GLY A 150 -24.48 18.27 4.24
C GLY A 150 -24.09 17.16 3.28
N LYS A 151 -22.78 17.01 3.06
CA LYS A 151 -22.24 15.98 2.17
C LYS A 151 -21.96 14.69 2.96
N PRO A 152 -21.93 13.52 2.26
CA PRO A 152 -21.46 12.30 2.92
C PRO A 152 -20.07 12.52 3.49
N ARG A 153 -19.78 11.96 4.66
CA ARG A 153 -18.49 12.19 5.30
C ARG A 153 -17.37 11.62 4.43
N LEU A 154 -16.19 12.21 4.52
CA LEU A 154 -15.00 11.65 3.88
C LEU A 154 -14.65 10.29 4.49
N LEU A 155 -14.18 9.38 3.64
CA LEU A 155 -13.60 8.14 4.11
C LEU A 155 -12.24 8.43 4.75
N LEU A 156 -11.86 7.62 5.73
CA LEU A 156 -10.54 7.71 6.33
C LEU A 156 -9.92 6.32 6.41
N THR A 157 -8.76 6.16 5.80
CA THR A 157 -8.04 4.90 5.89
C THR A 157 -6.60 5.17 6.35
N GLU A 158 -5.87 4.12 6.71
CA GLU A 158 -4.45 4.28 6.99
C GLU A 158 -3.68 3.03 6.59
N ALA A 159 -2.44 3.24 6.14
CA ALA A 159 -1.51 2.17 5.88
C ALA A 159 -1.04 1.58 7.19
N VAL A 160 -0.97 0.25 7.24
CA VAL A 160 -0.43 -0.44 8.40
C VAL A 160 0.62 -1.44 7.98
N TYR A 161 1.58 -1.65 8.87
CA TYR A 161 2.57 -2.72 8.80
C TYR A 161 1.85 -4.07 8.60
N PHE A 162 2.56 -5.06 8.05
CA PHE A 162 1.95 -6.38 7.80
C PHE A 162 1.44 -7.04 9.08
N HIS A 163 2.03 -6.64 10.21
CA HIS A 163 1.77 -7.25 11.50
C HIS A 163 1.21 -6.22 12.46
N GLN A 164 0.35 -6.67 13.36
CA GLN A 164 -0.28 -5.82 14.36
C GLN A 164 0.73 -5.28 15.39
N LYS A 165 1.84 -6.00 15.56
CA LYS A 165 2.89 -5.57 16.49
C LYS A 165 4.05 -4.88 15.77
N LEU A 166 4.49 -3.76 16.34
CA LEU A 166 5.70 -3.08 15.85
C LEU A 166 6.82 -3.24 16.88
N PHE A 167 7.74 -4.18 16.68
CA PHE A 167 7.75 -5.13 15.56
C PHE A 167 7.70 -6.54 16.14
N PRO A 168 7.35 -7.56 15.32
CA PRO A 168 7.20 -8.93 15.85
C PRO A 168 8.38 -9.45 16.66
N TRP A 169 9.59 -9.07 16.26
CA TRP A 169 10.83 -9.54 16.92
C TRP A 169 11.24 -8.74 18.15
N GLU A 170 10.77 -7.50 18.25
CA GLU A 170 11.04 -6.61 19.37
C GLU A 170 9.87 -5.65 19.44
N VAL A 171 8.89 -5.97 20.28
CA VAL A 171 7.63 -5.21 20.36
C VAL A 171 7.84 -3.93 21.17
N VAL A 172 7.73 -2.79 20.49
CA VAL A 172 7.85 -1.50 21.17
C VAL A 172 6.50 -0.80 21.29
N THR A 173 5.58 -1.17 20.39
CA THR A 173 4.20 -0.68 20.40
C THR A 173 3.36 -1.60 19.51
N GLU A 174 2.06 -1.29 19.38
CA GLU A 174 1.18 -2.08 18.53
C GLU A 174 0.00 -1.26 18.08
N TYR A 175 -0.61 -1.65 16.97
CA TYR A 175 -1.76 -0.91 16.46
C TYR A 175 -2.95 -1.09 17.37
N PRO A 176 -3.58 0.02 17.79
CA PRO A 176 -4.73 -0.09 18.69
C PRO A 176 -5.96 -0.47 17.88
N VAL A 177 -6.23 -1.77 17.78
CA VAL A 177 -7.22 -2.27 16.83
C VAL A 177 -8.65 -1.78 17.03
N GLN A 178 -9.09 -1.65 18.29
CA GLN A 178 -10.47 -1.17 18.53
C GLN A 178 -10.64 0.31 18.23
N PHE A 179 -9.62 1.11 18.55
CA PHE A 179 -9.57 2.52 18.16
C PHE A 179 -9.70 2.63 16.65
N ILE A 180 -8.88 1.85 15.96
CA ILE A 180 -8.85 1.84 14.50
C ILE A 180 -10.16 1.40 13.86
N ALA A 181 -10.74 0.29 14.34
CA ALA A 181 -12.03 -0.20 13.84
C ALA A 181 -13.14 0.84 14.01
N ALA A 182 -13.08 1.61 15.10
CA ALA A 182 -14.07 2.65 15.37
C ALA A 182 -13.88 3.89 14.50
N GLY A 183 -12.63 4.30 14.28
CA GLY A 183 -12.35 5.58 13.60
C GLY A 183 -12.11 5.51 12.10
N LEU A 184 -11.66 4.35 11.63
CA LEU A 184 -11.26 4.21 10.23
C LEU A 184 -12.20 3.30 9.44
N ASP A 185 -12.36 3.60 8.17
CA ASP A 185 -13.18 2.76 7.30
C ASP A 185 -12.53 1.43 6.98
N TRP A 186 -11.22 1.45 6.77
CA TRP A 186 -10.43 0.23 6.71
C TRP A 186 -8.95 0.56 6.85
N VAL A 187 -8.13 -0.47 6.98
CA VAL A 187 -6.69 -0.30 6.92
C VAL A 187 -6.10 -1.08 5.76
N ASN A 188 -5.04 -0.52 5.18
CA ASN A 188 -4.34 -1.13 4.06
C ASN A 188 -3.12 -1.86 4.61
N VAL A 189 -3.21 -3.18 4.68
CA VAL A 189 -2.15 -4.02 5.27
C VAL A 189 -1.04 -4.25 4.24
N MET A 190 0.16 -3.75 4.52
CA MET A 190 1.27 -3.82 3.59
C MET A 190 1.99 -5.17 3.73
N ALA A 191 1.31 -6.19 3.20
CA ALA A 191 1.74 -7.59 3.26
C ALA A 191 2.77 -7.92 2.19
N TYR A 192 3.87 -7.17 2.20
CA TYR A 192 4.95 -7.38 1.24
C TYR A 192 6.25 -6.77 1.78
N ASP A 193 7.32 -6.88 0.97
CA ASP A 193 8.68 -6.50 1.37
C ASP A 193 9.19 -7.24 2.61
N PHE A 194 8.84 -8.52 2.73
CA PHE A 194 9.36 -9.38 3.81
C PHE A 194 10.82 -9.74 3.57
N HIS A 195 11.20 -9.76 2.29
CA HIS A 195 12.53 -10.13 1.82
C HIS A 195 12.94 -9.27 0.63
N GLY A 196 14.25 -9.01 0.52
CA GLY A 196 14.79 -8.16 -0.55
C GLY A 196 16.30 -8.12 -0.48
N SER A 197 16.92 -7.31 -1.34
CA SER A 197 18.38 -7.27 -1.51
C SER A 197 19.15 -6.82 -0.26
N TRP A 198 18.42 -6.39 0.78
CA TRP A 198 19.03 -6.15 2.10
C TRP A 198 19.47 -7.47 2.74
N GLU A 199 18.96 -8.58 2.22
CA GLU A 199 19.39 -9.91 2.65
C GLU A 199 20.27 -10.53 1.57
N ASN A 200 21.25 -11.32 2.00
CA ASN A 200 22.20 -11.94 1.07
C ASN A 200 21.76 -13.33 0.59
N PHE A 201 20.45 -13.57 0.65
CA PHE A 201 19.84 -14.78 0.10
C PHE A 201 18.54 -14.41 -0.59
N THR A 202 18.26 -15.07 -1.70
CA THR A 202 17.00 -14.86 -2.40
C THR A 202 15.86 -15.42 -1.57
N GLY A 203 14.68 -14.85 -1.75
CA GLY A 203 13.52 -15.25 -0.97
C GLY A 203 12.26 -14.71 -1.61
N ALA A 204 11.12 -15.11 -1.07
CA ALA A 204 9.81 -14.67 -1.55
C ALA A 204 9.45 -13.35 -0.86
N PRO A 205 9.51 -12.23 -1.58
CA PRO A 205 9.36 -10.93 -0.92
C PRO A 205 7.97 -10.67 -0.31
N ALA A 206 6.95 -11.39 -0.80
CA ALA A 206 5.59 -11.25 -0.26
C ALA A 206 4.91 -12.60 0.04
N ALA A 207 5.71 -13.55 0.52
CA ALA A 207 5.23 -14.90 0.83
C ALA A 207 3.89 -14.87 1.57
N LEU A 208 2.91 -15.61 1.07
CA LEU A 208 1.60 -15.74 1.76
C LEU A 208 1.74 -16.59 3.02
N ARG A 209 2.47 -17.69 2.88
CA ARG A 209 2.84 -18.51 4.03
C ARG A 209 4.25 -19.09 3.86
N ASP A 210 4.75 -19.70 4.92
CA ASP A 210 6.07 -20.31 4.90
C ASP A 210 6.18 -21.16 6.15
N PRO A 211 6.42 -22.45 5.96
CA PRO A 211 6.46 -23.42 7.05
C PRO A 211 7.58 -23.17 8.07
N ASN A 212 8.60 -22.41 7.67
CA ASN A 212 9.76 -22.13 8.53
C ASN A 212 10.09 -20.64 8.62
N SER A 213 9.06 -19.79 8.58
CA SER A 213 9.25 -18.33 8.68
C SER A 213 8.03 -17.63 9.26
N LYS A 214 8.29 -16.55 10.00
CA LYS A 214 7.25 -15.72 10.60
C LYS A 214 6.90 -14.49 9.75
N PHE A 215 7.74 -14.16 8.78
CA PHE A 215 7.48 -13.04 7.89
C PHE A 215 6.63 -13.45 6.69
N THR A 216 5.32 -13.57 6.93
CA THR A 216 4.39 -13.93 5.85
C THR A 216 3.10 -13.12 5.98
N ALA A 217 2.39 -12.98 4.87
CA ALA A 217 1.12 -12.25 4.84
C ALA A 217 0.12 -12.86 5.82
N SER A 218 0.01 -14.19 5.83
CA SER A 218 -0.94 -14.89 6.69
C SER A 218 -0.67 -14.66 8.18
N VAL A 219 0.59 -14.78 8.58
CA VAL A 219 1.00 -14.53 9.97
C VAL A 219 0.62 -13.11 10.41
N GLY A 220 0.84 -12.15 9.51
CA GLY A 220 0.45 -10.77 9.78
C GLY A 220 -1.04 -10.60 9.92
N ILE A 221 -1.79 -11.12 8.95
CA ILE A 221 -3.25 -11.06 8.98
C ILE A 221 -3.78 -11.70 10.27
N GLU A 222 -3.25 -12.89 10.59
CA GLU A 222 -3.61 -13.61 11.81
C GLU A 222 -3.40 -12.76 13.07
N SER A 223 -2.33 -11.96 13.08
CA SER A 223 -2.02 -11.09 14.23
C SER A 223 -3.04 -9.96 14.44
N PHE A 224 -3.56 -9.37 13.36
CA PHE A 224 -4.61 -8.35 13.48
C PHE A 224 -5.93 -8.96 13.94
N LEU A 225 -6.22 -10.14 13.40
CA LEU A 225 -7.43 -10.88 13.78
C LEU A 225 -7.40 -11.34 15.23
N ALA A 226 -6.23 -11.83 15.67
CA ALA A 226 -6.04 -12.26 17.06
C ALA A 226 -6.20 -11.11 18.03
N ALA A 227 -5.75 -9.92 17.62
CA ALA A 227 -5.84 -8.71 18.43
C ALA A 227 -7.28 -8.18 18.53
N GLY A 228 -8.16 -8.67 17.67
CA GLY A 228 -9.59 -8.32 17.71
C GLY A 228 -10.10 -7.46 16.57
N MET A 229 -9.27 -7.23 15.54
CA MET A 229 -9.72 -6.45 14.38
C MET A 229 -10.84 -7.19 13.63
N PRO A 230 -11.95 -6.50 13.34
CA PRO A 230 -12.98 -7.10 12.49
C PRO A 230 -12.37 -7.39 11.12
N PRO A 231 -12.56 -8.62 10.60
CA PRO A 231 -11.88 -8.99 9.35
C PRO A 231 -12.21 -8.07 8.17
N GLU A 232 -13.43 -7.54 8.12
CA GLU A 232 -13.82 -6.61 7.05
C GLU A 232 -13.05 -5.27 7.03
N LYS A 233 -12.42 -4.93 8.16
CA LYS A 233 -11.59 -3.71 8.29
C LYS A 233 -10.21 -3.88 7.68
N LEU A 234 -9.87 -5.12 7.31
CA LEU A 234 -8.54 -5.41 6.77
C LEU A 234 -8.58 -5.53 5.25
N VAL A 235 -7.67 -4.82 4.58
CA VAL A 235 -7.53 -4.89 3.14
C VAL A 235 -6.11 -5.37 2.82
N LEU A 236 -6.03 -6.53 2.16
CA LEU A 236 -4.76 -7.21 1.97
C LEU A 236 -3.98 -6.63 0.80
N GLY A 237 -2.79 -6.12 1.09
CA GLY A 237 -1.93 -5.58 0.05
C GLY A 237 -1.23 -6.64 -0.75
N ILE A 238 -1.13 -6.38 -2.06
CA ILE A 238 -0.46 -7.25 -3.01
C ILE A 238 0.44 -6.36 -3.87
N PRO A 239 1.75 -6.67 -3.94
CA PRO A 239 2.65 -5.84 -4.74
C PRO A 239 2.51 -6.09 -6.23
N LEU A 240 2.64 -5.03 -7.03
CA LEU A 240 2.73 -5.16 -8.48
C LEU A 240 4.19 -4.96 -8.91
N PHE A 241 5.09 -5.15 -7.96
CA PHE A 241 6.53 -5.08 -8.21
C PHE A 241 7.19 -6.29 -7.57
N GLY A 242 8.42 -6.58 -7.97
CA GLY A 242 9.20 -7.64 -7.37
C GLY A 242 10.50 -7.10 -6.81
N ARG A 243 11.10 -7.82 -5.87
CA ARG A 243 12.41 -7.46 -5.35
C ARG A 243 13.45 -8.31 -6.05
N SER A 244 14.53 -7.67 -6.49
CA SER A 244 15.56 -8.31 -7.27
C SER A 244 16.91 -8.38 -6.55
N TRP A 245 17.67 -9.43 -6.86
CA TRP A 245 19.00 -9.63 -6.32
C TRP A 245 19.94 -9.92 -7.47
N LEU A 246 21.24 -9.69 -7.24
CA LEU A 246 22.28 -10.23 -8.09
C LEU A 246 22.78 -11.51 -7.44
N LEU A 247 22.82 -12.59 -8.21
CA LEU A 247 23.19 -13.90 -7.71
C LEU A 247 24.70 -14.01 -7.54
N LYS A 248 25.11 -14.67 -6.46
CA LYS A 248 26.53 -14.96 -6.26
C LYS A 248 26.99 -15.94 -7.33
N ASN A 249 26.19 -16.98 -7.58
CA ASN A 249 26.50 -17.98 -8.58
C ASN A 249 25.32 -18.22 -9.51
N ASN A 250 25.56 -18.08 -10.81
CA ASN A 250 24.50 -18.22 -11.81
C ASN A 250 23.87 -19.62 -11.88
N ASN A 251 24.55 -20.62 -11.32
CA ASN A 251 24.00 -21.98 -11.28
C ASN A 251 23.23 -22.31 -10.00
N GLU A 252 23.16 -21.35 -9.08
CA GLU A 252 22.30 -21.45 -7.90
C GLU A 252 21.16 -20.43 -8.03
N VAL A 253 19.98 -20.94 -8.37
CA VAL A 253 18.90 -20.09 -8.87
C VAL A 253 17.57 -20.26 -8.15
N GLY A 254 17.53 -21.11 -7.13
CA GLY A 254 16.30 -21.33 -6.38
C GLY A 254 16.14 -20.33 -5.24
N ILE A 255 15.13 -20.56 -4.41
CA ILE A 255 14.92 -19.77 -3.21
C ILE A 255 16.01 -20.14 -2.20
N GLY A 256 16.62 -19.13 -1.59
CA GLY A 256 17.71 -19.34 -0.63
C GLY A 256 19.07 -19.38 -1.31
N ALA A 257 19.12 -19.02 -2.59
CA ALA A 257 20.39 -18.94 -3.29
C ALA A 257 21.17 -17.72 -2.79
N PRO A 258 22.50 -17.86 -2.66
CA PRO A 258 23.31 -16.75 -2.16
C PRO A 258 23.33 -15.56 -3.13
N ALA A 259 23.29 -14.35 -2.59
CA ALA A 259 23.23 -13.13 -3.39
C ALA A 259 24.28 -12.10 -2.97
N VAL A 260 24.55 -11.15 -3.86
CA VAL A 260 25.66 -10.19 -3.66
C VAL A 260 25.25 -8.72 -3.76
N GLY A 261 23.94 -8.45 -3.73
CA GLY A 261 23.44 -7.08 -3.77
C GLY A 261 22.16 -6.91 -4.55
N ALA A 262 21.69 -5.67 -4.61
CA ALA A 262 20.48 -5.29 -5.34
C ALA A 262 20.61 -5.58 -6.84
N GLY A 263 19.57 -6.18 -7.42
CA GLY A 263 19.49 -6.27 -8.88
C GLY A 263 18.86 -4.99 -9.41
N PRO A 264 18.57 -4.94 -10.72
CA PRO A 264 17.89 -3.78 -11.29
C PRO A 264 16.43 -3.76 -10.82
N VAL A 265 15.81 -2.60 -10.65
CA VAL A 265 16.43 -1.27 -10.65
C VAL A 265 16.46 -0.83 -9.19
N ASP A 266 17.66 -0.69 -8.64
CA ASP A 266 17.86 -0.49 -7.20
C ASP A 266 17.04 -1.48 -6.37
N GLY A 267 17.03 -2.75 -6.79
CA GLY A 267 16.40 -3.83 -6.05
C GLY A 267 14.92 -4.04 -6.32
N ALA A 268 14.35 -3.34 -7.30
CA ALA A 268 12.92 -3.50 -7.63
C ALA A 268 12.63 -3.43 -9.11
N LEU A 269 11.73 -4.30 -9.57
CA LEU A 269 11.26 -4.37 -10.94
C LEU A 269 9.74 -4.36 -10.91
N SER A 270 9.12 -3.63 -11.83
CA SER A 270 7.67 -3.64 -11.96
C SER A 270 7.24 -4.98 -12.56
N PHE A 271 6.00 -5.38 -12.32
CA PHE A 271 5.47 -6.58 -12.97
C PHE A 271 5.65 -6.54 -14.49
N SER A 272 5.36 -5.39 -15.10
CA SER A 272 5.55 -5.23 -16.54
C SER A 272 7.01 -5.44 -16.96
N GLU A 273 7.94 -4.91 -16.17
CA GLU A 273 9.36 -5.11 -16.43
C GLU A 273 9.73 -6.59 -16.26
N ILE A 274 9.11 -7.26 -15.29
CA ILE A 274 9.30 -8.69 -15.10
C ILE A 274 8.73 -9.51 -16.27
N GLN A 275 7.61 -9.05 -16.84
CA GLN A 275 7.10 -9.69 -18.05
C GLN A 275 8.12 -9.61 -19.19
N ASN A 276 8.70 -8.42 -19.37
CA ASN A 276 9.76 -8.21 -20.36
C ASN A 276 10.95 -9.11 -20.10
N PHE A 277 11.32 -9.23 -18.82
CA PHE A 277 12.44 -10.09 -18.37
C PHE A 277 12.21 -11.55 -18.82
N ILE A 278 11.00 -12.06 -18.58
CA ILE A 278 10.61 -13.41 -19.02
C ILE A 278 10.61 -13.55 -20.54
N ARG A 279 10.01 -12.57 -21.24
CA ARG A 279 9.97 -12.61 -22.70
C ARG A 279 11.39 -12.54 -23.28
N GLY A 280 12.30 -11.93 -22.53
CA GLY A 280 13.70 -11.86 -22.92
C GLY A 280 14.54 -13.06 -22.53
N GLY A 281 13.90 -14.13 -22.03
CA GLY A 281 14.63 -15.37 -21.79
C GLY A 281 14.69 -15.84 -20.35
N ALA A 282 14.23 -15.02 -19.41
CA ALA A 282 14.20 -15.45 -18.00
C ALA A 282 13.25 -16.62 -17.80
N ARG A 283 13.63 -17.53 -16.91
CA ARG A 283 12.76 -18.65 -16.54
C ARG A 283 11.93 -18.29 -15.32
N GLU A 284 10.61 -18.45 -15.47
CA GLU A 284 9.67 -18.23 -14.37
C GLU A 284 9.38 -19.51 -13.61
N VAL A 285 9.40 -19.41 -12.28
CA VAL A 285 9.08 -20.53 -11.40
C VAL A 285 7.98 -20.11 -10.43
N PHE A 286 7.00 -20.99 -10.23
CA PHE A 286 6.02 -20.79 -9.18
C PHE A 286 6.47 -21.60 -7.97
N ASP A 287 6.50 -20.94 -6.81
CA ASP A 287 6.87 -21.62 -5.58
C ASP A 287 5.62 -21.87 -4.73
N THR A 288 5.19 -23.13 -4.70
CA THR A 288 3.96 -23.44 -3.99
C THR A 288 4.07 -23.31 -2.47
N THR A 289 5.29 -23.50 -1.95
CA THR A 289 5.57 -23.42 -0.51
C THR A 289 5.22 -22.04 0.05
N THR A 290 5.58 -21.00 -0.70
CA THR A 290 5.41 -19.62 -0.26
C THR A 290 4.23 -18.91 -0.93
N VAL A 291 3.67 -19.55 -1.97
CA VAL A 291 2.65 -18.96 -2.84
C VAL A 291 3.23 -17.68 -3.47
N SER A 292 4.17 -17.88 -4.38
CA SER A 292 4.91 -16.77 -4.96
C SER A 292 5.57 -17.20 -6.27
N ALA A 293 6.09 -16.23 -7.00
CA ALA A 293 6.81 -16.49 -8.25
C ALA A 293 8.22 -15.97 -8.13
N TYR A 294 9.11 -16.53 -8.93
CA TYR A 294 10.39 -15.90 -9.17
C TYR A 294 10.85 -16.15 -10.58
N ALA A 295 11.77 -15.32 -11.05
CA ALA A 295 12.30 -15.43 -12.39
C ALA A 295 13.78 -15.09 -12.36
N TYR A 296 14.55 -15.79 -13.21
CA TYR A 296 15.99 -15.59 -13.23
C TYR A 296 16.57 -15.76 -14.63
N LYS A 297 17.67 -15.04 -14.87
CA LYS A 297 18.43 -15.13 -16.09
C LYS A 297 19.83 -14.63 -15.76
N ASP A 298 20.84 -15.40 -16.16
CA ASP A 298 22.23 -15.07 -15.84
C ASP A 298 22.35 -14.80 -14.34
N ASN A 299 22.78 -13.61 -13.95
CA ASN A 299 22.98 -13.29 -12.53
C ASN A 299 21.86 -12.48 -11.86
N VAL A 300 20.72 -12.36 -12.54
CA VAL A 300 19.59 -11.59 -12.02
C VAL A 300 18.43 -12.49 -11.58
N TRP A 301 17.94 -12.26 -10.37
CA TRP A 301 16.88 -13.06 -9.78
C TRP A 301 15.84 -12.12 -9.21
N VAL A 302 14.58 -12.33 -9.53
CA VAL A 302 13.52 -11.48 -9.01
C VAL A 302 12.37 -12.30 -8.43
N GLY A 303 11.90 -11.91 -7.26
CA GLY A 303 10.73 -12.56 -6.64
C GLY A 303 9.55 -11.61 -6.67
N TYR A 304 8.38 -12.14 -7.00
CA TYR A 304 7.21 -11.29 -7.25
C TYR A 304 5.92 -12.12 -7.16
N ASP A 305 4.79 -11.46 -7.41
CA ASP A 305 3.52 -12.16 -7.52
C ASP A 305 3.12 -12.27 -8.98
N ASN A 306 2.72 -13.46 -9.41
CA ASN A 306 2.26 -13.65 -10.78
C ASN A 306 0.76 -13.94 -10.87
N GLN A 307 0.32 -14.33 -12.07
CA GLN A 307 -1.09 -14.62 -12.32
C GLN A 307 -1.65 -15.66 -11.33
N GLN A 308 -0.86 -16.70 -11.07
CA GLN A 308 -1.28 -17.76 -10.16
C GLN A 308 -1.29 -17.31 -8.69
N SER A 309 -0.19 -16.73 -8.22
CA SER A 309 -0.11 -16.33 -6.80
C SER A 309 -1.12 -15.24 -6.42
N VAL A 310 -1.41 -14.32 -7.35
CA VAL A 310 -2.45 -13.30 -7.09
C VAL A 310 -3.83 -13.94 -6.95
N ALA A 311 -4.19 -14.83 -7.87
CA ALA A 311 -5.45 -15.58 -7.74
C ALA A 311 -5.52 -16.27 -6.38
N LEU A 312 -4.40 -16.84 -5.95
CA LEU A 312 -4.36 -17.55 -4.67
C LEU A 312 -4.47 -16.62 -3.44
N LYS A 313 -3.77 -15.50 -3.48
CA LYS A 313 -3.86 -14.49 -2.42
C LYS A 313 -5.24 -13.86 -2.29
N VAL A 314 -5.92 -13.66 -3.41
CA VAL A 314 -7.25 -13.04 -3.39
C VAL A 314 -8.29 -14.04 -2.86
N GLN A 315 -8.14 -15.31 -3.25
CA GLN A 315 -8.98 -16.37 -2.69
C GLN A 315 -8.77 -16.48 -1.17
N TYR A 316 -7.51 -16.40 -0.75
CA TYR A 316 -7.14 -16.37 0.68
C TYR A 316 -7.87 -15.26 1.43
N ALA A 317 -7.82 -14.05 0.87
CA ALA A 317 -8.49 -12.90 1.47
C ALA A 317 -9.99 -13.14 1.61
N LYS A 318 -10.57 -13.80 0.61
CA LYS A 318 -11.99 -14.14 0.66
C LYS A 318 -12.26 -15.21 1.71
N GLU A 319 -11.37 -16.20 1.81
CA GLU A 319 -11.44 -17.28 2.83
C GLU A 319 -11.36 -16.71 4.24
N LYS A 320 -10.49 -15.72 4.43
CA LYS A 320 -10.29 -15.09 5.73
C LYS A 320 -11.30 -13.99 6.02
N ARG A 321 -12.26 -13.81 5.10
CA ARG A 321 -13.35 -12.84 5.24
C ARG A 321 -12.87 -11.39 5.30
N LEU A 322 -11.78 -11.08 4.62
CA LEU A 322 -11.22 -9.72 4.66
C LEU A 322 -12.09 -8.72 3.88
N GLY A 323 -11.87 -7.43 4.11
CA GLY A 323 -12.60 -6.37 3.39
C GLY A 323 -12.33 -6.37 1.89
N GLY A 324 -11.15 -6.84 1.49
CA GLY A 324 -10.74 -6.90 0.10
C GLY A 324 -9.22 -6.91 -0.03
N TYR A 325 -8.73 -6.32 -1.12
CA TYR A 325 -7.29 -6.31 -1.42
C TYR A 325 -6.89 -4.95 -1.99
N PHE A 326 -5.60 -4.62 -1.91
CA PHE A 326 -5.11 -3.46 -2.63
C PHE A 326 -3.85 -3.79 -3.41
N PHE A 327 -3.61 -3.03 -4.48
CA PHE A 327 -2.36 -3.16 -5.22
C PHE A 327 -1.49 -1.92 -5.06
N TRP A 328 -0.22 -2.14 -4.73
CA TRP A 328 0.79 -1.10 -4.92
C TRP A 328 1.78 -1.55 -5.98
N SER A 329 1.93 -0.83 -7.10
CA SER A 329 1.11 0.33 -7.50
C SER A 329 0.68 0.15 -8.97
N VAL A 330 -0.45 0.77 -9.35
CA VAL A 330 -1.12 0.39 -10.60
C VAL A 330 -0.33 0.63 -11.88
N ASN A 331 0.54 1.63 -11.87
CA ASN A 331 1.43 1.91 -13.01
C ASN A 331 2.41 0.79 -13.32
N GLN A 332 2.59 -0.13 -12.36
CA GLN A 332 3.61 -1.20 -12.48
C GLN A 332 3.13 -2.44 -13.24
N ASP A 333 1.84 -2.46 -13.58
CA ASP A 333 1.24 -3.54 -14.38
C ASP A 333 0.46 -2.85 -15.50
N ILE A 334 1.17 -2.50 -16.57
CA ILE A 334 0.61 -1.58 -17.57
C ILE A 334 -0.62 -2.14 -18.30
N ASP A 335 -0.67 -3.46 -18.47
CA ASP A 335 -1.79 -4.12 -19.13
C ASP A 335 -2.87 -4.61 -18.16
N ALA A 336 -2.72 -4.23 -16.88
CA ALA A 336 -3.66 -4.59 -15.82
C ALA A 336 -3.95 -6.10 -15.76
N ILE A 337 -2.89 -6.89 -15.96
CA ILE A 337 -2.99 -8.34 -15.92
C ILE A 337 -3.45 -8.83 -14.54
N LEU A 338 -2.73 -8.41 -13.50
CA LEU A 338 -3.00 -8.88 -12.15
C LEU A 338 -4.27 -8.28 -11.53
N PRO A 339 -4.55 -6.97 -11.76
CA PRO A 339 -5.85 -6.46 -11.30
C PRO A 339 -7.07 -7.17 -11.92
N LYS A 340 -6.95 -7.66 -13.16
CA LYS A 340 -8.07 -8.39 -13.79
C LYS A 340 -8.28 -9.76 -13.12
N ILE A 341 -7.20 -10.50 -12.94
CA ILE A 341 -7.24 -11.78 -12.24
C ILE A 341 -7.83 -11.63 -10.84
N ALA A 342 -7.34 -10.62 -10.10
CA ALA A 342 -7.87 -10.34 -8.77
C ALA A 342 -9.36 -10.04 -8.76
N SER A 343 -9.80 -9.18 -9.67
CA SER A 343 -11.23 -8.84 -9.75
C SER A 343 -12.08 -10.06 -10.11
N ASP A 344 -11.63 -10.83 -11.09
CA ASP A 344 -12.32 -12.06 -11.52
C ASP A 344 -12.38 -13.11 -10.41
N THR A 345 -11.29 -13.23 -9.64
CA THR A 345 -11.23 -14.17 -8.53
C THR A 345 -12.23 -13.85 -7.42
N TRP A 346 -12.37 -12.58 -7.07
CA TRP A 346 -13.30 -12.22 -6.02
C TRP A 346 -14.76 -12.37 -6.47
N GLY A 347 -15.05 -11.95 -7.70
CA GLY A 347 -16.37 -12.13 -8.32
C GLY A 347 -16.69 -13.58 -8.66
#